data_5JKT
#
_entry.id   5JKT
#
_cell.length_a   92.980
_cell.length_b   92.980
_cell.length_c   145.710
_cell.angle_alpha   90.00
_cell.angle_beta   90.00
_cell.angle_gamma   120.00
#
_symmetry.space_group_name_H-M   'P 31 2 1'
#
loop_
_entity.id
_entity.type
_entity.pdbx_description
1 polymer 'Uracil-DNA glycosylase'
2 polymer 'DNA polymerase processivity factor component A20'
3 non-polymer 'SULFATE ION'
4 non-polymer 'ACETATE ION'
5 water water
#
loop_
_entity_poly.entity_id
_entity_poly.type
_entity_poly.pdbx_seq_one_letter_code
_entity_poly.pdbx_strand_id
1 'polypeptide(L)'
;MGSSHHHHHHSQDPMNSVTVSHAPYTITYHDDWEPVMSQLVEFYNEVASWLLRDETSPIPDKFFIQLKQPLRNKRVCVCG
IDPYPKDGTGVPFESPNFTKKSIKEIASSISRLTGVIDYKGYNLNIIDGVIPWNYYLSCKLGETKSHAIYWDKISKLLLQ
HITKHVSVLYCLGKTDFSNIRAKLESGVTTIVGYHPAARDRQFEKDRSFEIINVLLELDNKVPINWAQGFIY
;
B,A
2 'polypeptide(L)' GAMTSSADLTNLKELLSLYKSLRFSDSAAIEKYNSLVEWGTSTYWKIGVQKV D,C
#
loop_
_chem_comp.id
_chem_comp.type
_chem_comp.name
_chem_comp.formula
ACT non-polymer 'ACETATE ION' 'C2 H3 O2 -1'
SO4 non-polymer 'SULFATE ION' 'O4 S -2'
#
# COMPACT_ATOMS: atom_id res chain seq x y z
N GLN A 12 -1.45 -11.12 12.40
CA GLN A 12 -1.22 -12.36 11.60
C GLN A 12 -1.85 -12.40 10.19
N ASP A 13 -3.17 -12.16 10.11
CA ASP A 13 -3.97 -12.24 8.87
C ASP A 13 -4.54 -10.82 8.58
N PRO A 14 -4.49 -10.34 7.29
CA PRO A 14 -5.10 -9.00 7.09
C PRO A 14 -6.65 -8.99 7.14
N MET A 15 -7.26 -10.18 6.95
CA MET A 15 -8.73 -10.42 6.95
C MET A 15 -9.36 -10.53 8.35
N ASN A 16 -10.38 -9.71 8.58
CA ASN A 16 -11.22 -9.68 9.73
C ASN A 16 -12.66 -10.13 9.29
N SER A 17 -13.60 -10.14 10.23
CA SER A 17 -14.92 -10.55 9.89
C SER A 17 -15.80 -9.99 10.97
N VAL A 18 -16.98 -9.49 10.59
CA VAL A 18 -17.94 -8.98 11.55
C VAL A 18 -19.29 -9.61 11.17
N THR A 19 -20.24 -9.61 12.11
CA THR A 19 -21.46 -10.32 11.94
C THR A 19 -22.63 -9.34 11.90
N VAL A 20 -23.51 -9.52 10.90
CA VAL A 20 -24.76 -8.74 10.79
C VAL A 20 -25.92 -9.68 10.94
N SER A 21 -27.11 -9.11 11.12
CA SER A 21 -28.33 -9.89 11.39
C SER A 21 -29.21 -10.16 10.19
N HIS A 22 -28.63 -10.14 9.00
CA HIS A 22 -29.34 -10.53 7.78
C HIS A 22 -28.32 -11.07 6.87
N ALA A 23 -28.74 -11.91 5.93
CA ALA A 23 -27.83 -12.39 4.92
C ALA A 23 -27.00 -11.21 4.33
N PRO A 24 -25.71 -11.38 4.08
CA PRO A 24 -24.97 -12.63 4.25
C PRO A 24 -24.46 -12.98 5.68
N TYR A 25 -24.92 -12.27 6.68
CA TYR A 25 -24.59 -12.61 8.10
C TYR A 25 -23.14 -12.32 8.56
N THR A 26 -22.16 -12.65 7.74
CA THR A 26 -20.79 -12.39 7.98
C THR A 26 -20.27 -11.56 6.81
N ILE A 27 -19.59 -10.47 7.14
CA ILE A 27 -18.87 -9.62 6.18
C ILE A 27 -17.41 -9.78 6.56
N THR A 28 -16.63 -10.23 5.61
CA THR A 28 -15.22 -10.40 5.69
C THR A 28 -14.45 -9.24 4.99
N TYR A 29 -13.49 -8.61 5.69
CA TYR A 29 -12.75 -7.48 5.14
C TYR A 29 -11.26 -7.39 5.42
N HIS A 30 -10.56 -6.65 4.56
CA HIS A 30 -9.16 -6.27 4.77
C HIS A 30 -9.08 -5.13 5.73
N ASP A 31 -7.97 -5.11 6.49
CA ASP A 31 -7.76 -4.16 7.66
C ASP A 31 -8.01 -2.71 7.30
N ASP A 32 -7.54 -2.35 6.10
CA ASP A 32 -7.78 -0.99 5.54
C ASP A 32 -9.23 -0.57 5.64
N TRP A 33 -10.20 -1.50 5.60
CA TRP A 33 -11.62 -1.07 5.80
C TRP A 33 -12.14 -0.83 7.25
N GLU A 34 -11.31 -1.12 8.26
CA GLU A 34 -11.76 -1.14 9.68
C GLU A 34 -12.50 0.04 10.09
N PRO A 35 -11.97 1.22 9.74
CA PRO A 35 -12.66 2.44 10.30
C PRO A 35 -14.10 2.61 9.85
N VAL A 36 -14.55 1.92 8.77
CA VAL A 36 -15.99 2.07 8.40
C VAL A 36 -16.94 0.99 8.88
N MET A 37 -16.41 -0.07 9.50
CA MET A 37 -17.24 -1.25 9.80
C MET A 37 -18.30 -1.08 10.81
N SER A 38 -17.96 -0.51 11.95
CA SER A 38 -19.00 -0.31 12.94
C SER A 38 -20.25 0.29 12.25
N GLN A 39 -20.07 1.30 11.38
CA GLN A 39 -21.26 1.93 10.70
C GLN A 39 -21.86 1.11 9.54
N LEU A 40 -21.03 0.47 8.73
CA LEU A 40 -21.54 -0.44 7.71
C LEU A 40 -22.51 -1.45 8.28
N VAL A 41 -22.08 -2.12 9.37
CA VAL A 41 -22.90 -3.07 10.16
C VAL A 41 -24.15 -2.42 10.66
N GLU A 42 -24.00 -1.29 11.33
CA GLU A 42 -25.21 -0.61 11.82
C GLU A 42 -26.18 -0.26 10.67
N PHE A 43 -25.69 0.28 9.55
CA PHE A 43 -26.60 0.73 8.44
C PHE A 43 -27.15 -0.45 7.69
N TYR A 44 -26.31 -1.43 7.39
CA TYR A 44 -26.80 -2.59 6.69
C TYR A 44 -27.91 -3.33 7.47
N ASN A 45 -27.90 -3.29 8.80
CA ASN A 45 -28.91 -4.05 9.59
C ASN A 45 -30.26 -3.46 9.52
N GLU A 46 -30.33 -2.14 9.43
CA GLU A 46 -31.65 -1.52 9.26
C GLU A 46 -32.19 -1.64 7.85
N VAL A 47 -31.40 -1.98 6.81
CA VAL A 47 -31.99 -2.07 5.46
C VAL A 47 -31.97 -3.39 4.82
N ALA A 48 -31.07 -4.27 5.25
CA ALA A 48 -30.98 -5.58 4.61
C ALA A 48 -32.32 -6.35 4.41
N SER A 49 -33.25 -6.13 5.35
CA SER A 49 -34.56 -6.79 5.35
C SER A 49 -35.38 -6.44 4.06
N TRP A 50 -35.57 -5.14 3.85
CA TRP A 50 -36.21 -4.65 2.64
C TRP A 50 -35.48 -5.13 1.35
N LEU A 51 -34.18 -5.07 1.39
CA LEU A 51 -33.36 -5.32 0.21
C LEU A 51 -33.39 -6.80 -0.21
N LEU A 52 -33.32 -7.67 0.77
CA LEU A 52 -33.43 -9.13 0.56
C LEU A 52 -34.82 -9.62 0.07
N ARG A 53 -35.88 -8.80 0.19
CA ARG A 53 -37.17 -9.11 -0.48
C ARG A 53 -37.06 -9.42 -1.95
N ASP A 54 -36.23 -8.71 -2.74
CA ASP A 54 -36.15 -8.99 -4.20
C ASP A 54 -34.93 -9.83 -4.46
N GLU A 55 -34.90 -10.52 -5.59
CA GLU A 55 -33.70 -11.28 -5.99
C GLU A 55 -32.66 -10.27 -6.55
N THR A 56 -31.36 -10.54 -6.27
CA THR A 56 -30.31 -9.51 -6.44
C THR A 56 -29.21 -9.85 -7.45
N SER A 57 -28.70 -8.85 -8.14
CA SER A 57 -27.38 -9.03 -8.74
C SER A 57 -26.49 -8.16 -7.86
N PRO A 58 -25.43 -8.67 -7.30
CA PRO A 58 -25.05 -10.06 -7.32
C PRO A 58 -25.81 -10.76 -6.19
N ILE A 59 -25.57 -12.02 -5.92
CA ILE A 59 -26.25 -12.65 -4.73
C ILE A 59 -25.79 -12.02 -3.39
N PRO A 60 -26.63 -12.06 -2.37
CA PRO A 60 -26.21 -11.53 -1.08
C PRO A 60 -24.81 -11.90 -0.56
N ASP A 61 -24.43 -13.15 -0.72
CA ASP A 61 -23.09 -13.66 -0.35
C ASP A 61 -21.91 -12.99 -1.12
N LYS A 62 -22.20 -12.29 -2.21
CA LYS A 62 -21.17 -11.63 -2.98
C LYS A 62 -21.21 -10.12 -2.77
N PHE A 63 -22.23 -9.56 -2.11
CA PHE A 63 -22.40 -8.09 -2.00
C PHE A 63 -21.09 -7.42 -1.67
N PHE A 64 -20.41 -7.98 -0.65
CA PHE A 64 -19.26 -7.27 -0.02
C PHE A 64 -17.91 -7.90 -0.31
N ILE A 65 -17.75 -8.77 -1.30
CA ILE A 65 -16.43 -9.40 -1.48
C ILE A 65 -15.27 -8.44 -1.82
N GLN A 66 -15.63 -7.23 -2.25
CA GLN A 66 -14.66 -6.25 -2.68
C GLN A 66 -14.12 -5.49 -1.45
N LEU A 67 -14.77 -5.70 -0.27
CA LEU A 67 -14.16 -5.32 1.01
C LEU A 67 -12.95 -6.16 1.40
N LYS A 68 -12.60 -7.19 0.64
CA LYS A 68 -11.37 -7.94 0.90
C LYS A 68 -10.13 -7.31 0.25
N GLN A 69 -10.33 -6.20 -0.44
CA GLN A 69 -9.31 -5.65 -1.33
C GLN A 69 -8.59 -4.62 -0.43
N PRO A 70 -7.23 -4.68 -0.38
CA PRO A 70 -6.54 -3.53 0.33
C PRO A 70 -6.74 -2.19 -0.43
N LEU A 71 -6.78 -1.12 0.35
CA LEU A 71 -6.80 0.29 -0.12
C LEU A 71 -5.43 1.07 -0.21
N ARG A 72 -4.57 0.89 0.80
CA ARG A 72 -3.24 1.55 0.90
C ARG A 72 -2.37 1.46 -0.34
N ASN A 73 -2.48 0.45 -1.18
CA ASN A 73 -1.74 0.47 -2.45
C ASN A 73 -2.58 1.01 -3.64
N LYS A 74 -3.72 1.67 -3.38
CA LYS A 74 -4.62 2.02 -4.50
C LYS A 74 -4.43 3.52 -4.89
N ARG A 75 -4.18 3.75 -6.17
CA ARG A 75 -4.04 5.11 -6.73
C ARG A 75 -5.33 5.56 -7.45
N VAL A 76 -6.00 4.64 -8.17
CA VAL A 76 -7.30 4.87 -8.87
C VAL A 76 -8.53 4.00 -8.46
N CYS A 77 -9.69 4.62 -8.41
CA CYS A 77 -10.94 3.98 -8.21
C CYS A 77 -11.72 4.15 -9.48
N VAL A 78 -12.06 3.07 -10.16
CA VAL A 78 -12.85 3.12 -11.36
C VAL A 78 -14.24 2.70 -10.93
N CYS A 79 -15.20 3.64 -10.98
CA CYS A 79 -16.49 3.48 -10.32
C CYS A 79 -17.65 3.44 -11.34
N GLY A 80 -18.50 2.41 -11.21
CA GLY A 80 -19.77 2.31 -11.95
C GLY A 80 -20.85 2.54 -10.98
N ILE A 81 -22.06 2.90 -11.48
CA ILE A 81 -23.16 3.23 -10.59
C ILE A 81 -23.67 2.01 -9.74
N ASP A 82 -23.71 0.82 -10.31
CA ASP A 82 -24.25 -0.32 -9.61
C ASP A 82 -23.90 -1.59 -10.42
N PRO A 83 -24.15 -2.80 -9.89
CA PRO A 83 -23.61 -4.00 -10.55
C PRO A 83 -24.31 -4.24 -11.87
N TYR A 84 -23.81 -5.18 -12.64
CA TYR A 84 -24.52 -5.62 -13.81
C TYR A 84 -25.95 -6.06 -13.35
N PRO A 85 -26.98 -5.64 -14.10
CA PRO A 85 -28.31 -6.09 -13.72
C PRO A 85 -28.45 -7.61 -13.73
N LYS A 86 -27.62 -8.33 -14.48
CA LYS A 86 -27.48 -9.76 -14.23
C LYS A 86 -26.05 -10.27 -14.26
N ASP A 87 -25.80 -11.35 -13.52
CA ASP A 87 -24.49 -12.04 -13.46
C ASP A 87 -23.41 -11.25 -12.71
N GLY A 88 -23.81 -10.34 -11.82
CA GLY A 88 -22.83 -9.64 -10.99
C GLY A 88 -22.10 -10.65 -10.11
N THR A 89 -20.77 -10.60 -10.07
CA THR A 89 -20.01 -11.48 -9.23
C THR A 89 -19.66 -10.89 -7.89
N GLY A 90 -20.14 -9.67 -7.61
CA GLY A 90 -19.60 -8.82 -6.52
C GLY A 90 -18.24 -8.15 -6.77
N VAL A 91 -17.61 -8.41 -7.93
CA VAL A 91 -16.40 -7.74 -8.36
C VAL A 91 -16.77 -6.74 -9.47
N PRO A 92 -16.79 -5.45 -9.12
CA PRO A 92 -17.28 -4.53 -10.11
C PRO A 92 -16.63 -4.66 -11.48
N PHE A 93 -17.47 -4.63 -12.51
CA PHE A 93 -17.08 -4.70 -13.91
C PHE A 93 -16.74 -6.09 -14.39
N GLU A 94 -16.50 -7.01 -13.46
CA GLU A 94 -15.99 -8.31 -13.81
C GLU A 94 -17.08 -9.11 -14.56
N SER A 95 -16.71 -9.63 -15.72
CA SER A 95 -17.47 -10.67 -16.46
C SER A 95 -16.50 -11.81 -16.78
N PRO A 96 -16.49 -12.89 -15.95
CA PRO A 96 -15.42 -13.90 -16.07
C PRO A 96 -15.35 -14.67 -17.40
N ASN A 97 -16.48 -14.75 -18.12
CA ASN A 97 -16.56 -15.31 -19.47
C ASN A 97 -16.35 -14.25 -20.52
N PHE A 98 -16.12 -12.98 -20.14
CA PHE A 98 -15.89 -11.88 -21.09
C PHE A 98 -17.07 -11.67 -22.07
N THR A 99 -18.23 -11.48 -21.45
CA THR A 99 -19.57 -11.46 -22.05
C THR A 99 -20.14 -10.04 -22.09
N LYS A 100 -20.02 -9.34 -20.95
CA LYS A 100 -20.71 -8.03 -20.75
C LYS A 100 -20.17 -6.89 -21.61
N LYS A 101 -21.05 -6.00 -22.05
CA LYS A 101 -20.76 -5.03 -23.09
C LYS A 101 -19.76 -4.02 -22.53
N SER A 102 -20.05 -3.55 -21.31
CA SER A 102 -19.22 -2.56 -20.64
C SER A 102 -17.79 -2.98 -20.53
N ILE A 103 -17.52 -4.17 -20.04
CA ILE A 103 -16.16 -4.61 -19.94
C ILE A 103 -15.54 -4.83 -21.36
N LYS A 104 -16.34 -5.21 -22.35
CA LYS A 104 -15.74 -5.48 -23.66
C LYS A 104 -15.35 -4.15 -24.30
N GLU A 105 -16.23 -3.17 -24.17
CA GLU A 105 -15.93 -1.84 -24.61
C GLU A 105 -14.68 -1.23 -23.94
N ILE A 106 -14.53 -1.51 -22.64
CA ILE A 106 -13.40 -1.00 -21.92
C ILE A 106 -12.14 -1.72 -22.42
N ALA A 107 -12.26 -3.01 -22.68
CA ALA A 107 -11.14 -3.77 -23.25
C ALA A 107 -10.67 -3.24 -24.63
N SER A 108 -11.62 -2.78 -25.45
CA SER A 108 -11.36 -2.10 -26.71
C SER A 108 -10.55 -0.80 -26.56
N SER A 109 -11.03 0.12 -25.69
CA SER A 109 -10.32 1.41 -25.39
C SER A 109 -8.82 1.15 -25.05
N ILE A 110 -8.54 0.07 -24.33
CA ILE A 110 -7.20 -0.23 -23.85
C ILE A 110 -6.39 -1.08 -24.82
N SER A 111 -7.07 -1.78 -25.72
CA SER A 111 -6.40 -2.36 -26.88
C SER A 111 -5.83 -1.22 -27.74
N ARG A 112 -6.69 -0.23 -28.02
CA ARG A 112 -6.30 0.93 -28.82
C ARG A 112 -5.15 1.69 -28.17
N LEU A 113 -5.30 2.02 -26.88
CA LEU A 113 -4.26 2.74 -26.17
C LEU A 113 -2.90 2.01 -26.19
N THR A 114 -2.87 0.76 -25.70
CA THR A 114 -1.61 -0.02 -25.54
C THR A 114 -1.13 -0.80 -26.79
N GLY A 115 -1.96 -0.91 -27.82
CA GLY A 115 -1.65 -1.77 -28.96
C GLY A 115 -1.61 -3.28 -28.73
N VAL A 116 -2.03 -3.76 -27.56
CA VAL A 116 -2.31 -5.19 -27.38
C VAL A 116 -3.58 -5.60 -28.14
N ILE A 117 -3.41 -6.33 -29.24
CA ILE A 117 -4.50 -6.65 -30.16
C ILE A 117 -5.11 -8.06 -29.93
N ASP A 118 -4.32 -9.02 -29.42
CA ASP A 118 -4.85 -10.38 -29.18
C ASP A 118 -4.94 -10.69 -27.71
N TYR A 119 -6.20 -10.81 -27.24
CA TYR A 119 -6.57 -11.05 -25.84
C TYR A 119 -7.91 -11.79 -25.73
N LYS A 120 -8.05 -12.54 -24.63
CA LYS A 120 -9.24 -13.37 -24.32
C LYS A 120 -10.18 -12.81 -23.24
N GLY A 121 -9.66 -12.00 -22.33
CA GLY A 121 -10.49 -11.34 -21.30
C GLY A 121 -9.89 -10.02 -20.82
N TYR A 122 -10.58 -9.36 -19.90
CA TYR A 122 -10.09 -8.12 -19.30
C TYR A 122 -10.79 -7.90 -17.98
N ASN A 123 -10.02 -7.68 -16.91
CA ASN A 123 -10.56 -7.46 -15.57
C ASN A 123 -9.85 -6.30 -14.83
N LEU A 124 -10.59 -5.25 -14.50
CA LEU A 124 -10.04 -4.11 -13.77
C LEU A 124 -9.51 -4.49 -12.41
N ASN A 125 -9.94 -5.63 -11.87
CA ASN A 125 -9.60 -6.02 -10.46
C ASN A 125 -8.25 -6.69 -10.35
N ILE A 126 -7.53 -6.90 -11.44
CA ILE A 126 -6.18 -7.45 -11.32
C ILE A 126 -5.13 -6.39 -11.62
N ILE A 127 -5.52 -5.11 -11.75
CA ILE A 127 -4.59 -4.10 -12.21
C ILE A 127 -4.02 -3.49 -10.98
N ASP A 128 -2.68 -3.56 -10.87
CA ASP A 128 -1.96 -2.88 -9.79
C ASP A 128 -2.32 -1.38 -9.78
N GLY A 129 -2.78 -0.95 -8.62
CA GLY A 129 -3.10 0.42 -8.32
C GLY A 129 -4.57 0.80 -8.41
N VAL A 130 -5.31 -0.05 -9.13
CA VAL A 130 -6.73 0.15 -9.43
C VAL A 130 -7.66 -0.64 -8.51
N ILE A 131 -8.72 0.01 -8.06
CA ILE A 131 -9.82 -0.68 -7.41
C ILE A 131 -11.16 -0.36 -8.09
N PRO A 132 -11.76 -1.36 -8.79
CA PRO A 132 -13.07 -1.18 -9.36
C PRO A 132 -14.13 -1.15 -8.29
N TRP A 133 -15.15 -0.35 -8.52
CA TRP A 133 -16.12 -0.11 -7.49
C TRP A 133 -17.52 0.14 -8.10
N ASN A 134 -18.55 -0.25 -7.33
CA ASN A 134 -19.95 -0.03 -7.62
C ASN A 134 -20.49 0.86 -6.56
N TYR A 135 -21.08 1.99 -6.96
CA TYR A 135 -21.51 2.88 -5.94
C TYR A 135 -22.60 2.21 -5.12
N TYR A 136 -23.55 1.55 -5.77
CA TYR A 136 -24.59 0.76 -5.08
C TYR A 136 -24.17 -0.66 -5.14
N LEU A 137 -24.30 -1.37 -4.04
CA LEU A 137 -23.75 -2.73 -3.92
C LEU A 137 -24.63 -3.84 -4.51
N SER A 138 -25.90 -3.53 -4.75
CA SER A 138 -26.83 -4.48 -5.46
C SER A 138 -27.85 -3.75 -6.33
N CYS A 139 -28.51 -4.55 -7.13
CA CYS A 139 -29.82 -4.17 -7.71
C CYS A 139 -30.72 -5.39 -7.78
N LYS A 140 -32.02 -5.11 -7.96
CA LYS A 140 -33.01 -6.16 -8.23
C LYS A 140 -32.68 -6.76 -9.56
N LEU A 141 -32.80 -8.08 -9.72
CA LEU A 141 -32.37 -8.68 -10.99
C LEU A 141 -33.04 -7.99 -12.17
N GLY A 142 -32.28 -7.67 -13.19
CA GLY A 142 -32.79 -7.04 -14.40
C GLY A 142 -33.07 -5.54 -14.37
N GLU A 143 -33.06 -4.91 -13.19
CA GLU A 143 -33.41 -3.51 -13.07
C GLU A 143 -32.28 -2.64 -12.51
N THR A 144 -31.68 -1.81 -13.37
CA THR A 144 -30.65 -0.88 -12.92
C THR A 144 -31.24 0.22 -12.01
N LYS A 145 -30.41 0.59 -11.04
CA LYS A 145 -30.68 1.46 -9.90
C LYS A 145 -31.84 1.15 -8.97
N SER A 146 -32.41 -0.05 -9.03
CA SER A 146 -33.52 -0.38 -8.10
C SER A 146 -33.21 -0.31 -6.60
N HIS A 147 -32.00 -0.62 -6.17
CA HIS A 147 -31.68 -0.57 -4.71
C HIS A 147 -30.99 0.69 -4.21
N ALA A 148 -31.01 1.73 -5.03
CA ALA A 148 -30.38 3.00 -4.69
C ALA A 148 -30.82 3.57 -3.40
N ILE A 149 -32.13 3.52 -3.18
CA ILE A 149 -32.71 4.13 -1.99
C ILE A 149 -32.29 3.41 -0.69
N TYR A 150 -31.97 2.14 -0.81
CA TYR A 150 -31.45 1.31 0.30
C TYR A 150 -29.99 1.48 0.57
N TRP A 151 -29.19 1.57 -0.49
CA TRP A 151 -27.75 1.69 -0.32
C TRP A 151 -27.24 3.09 0.08
N ASP A 152 -28.07 4.10 -0.09
CA ASP A 152 -27.63 5.52 -0.02
C ASP A 152 -26.59 5.86 1.03
N LYS A 153 -26.93 5.73 2.31
CA LYS A 153 -25.99 6.07 3.42
C LYS A 153 -24.68 5.27 3.35
N ILE A 154 -24.80 3.99 2.96
CA ILE A 154 -23.64 3.06 2.95
C ILE A 154 -22.74 3.48 1.85
N SER A 155 -23.35 3.80 0.72
CA SER A 155 -22.61 4.02 -0.52
C SER A 155 -21.69 5.25 -0.40
N LYS A 156 -22.16 6.23 0.33
CA LYS A 156 -21.45 7.45 0.64
C LYS A 156 -20.31 7.18 1.56
N LEU A 157 -20.64 6.52 2.66
CA LEU A 157 -19.65 6.06 3.65
C LEU A 157 -18.47 5.34 3.02
N LEU A 158 -18.79 4.38 2.15
CA LEU A 158 -17.75 3.56 1.58
C LEU A 158 -16.93 4.27 0.56
N LEU A 159 -17.59 5.05 -0.34
CA LEU A 159 -16.86 5.81 -1.35
C LEU A 159 -15.99 6.95 -0.69
N GLN A 160 -16.54 7.61 0.34
CA GLN A 160 -15.68 8.49 1.17
C GLN A 160 -14.38 7.84 1.61
N HIS A 161 -14.43 6.58 2.01
CA HIS A 161 -13.26 5.91 2.55
C HIS A 161 -12.27 5.62 1.50
N ILE A 162 -12.79 5.20 0.37
CA ILE A 162 -11.92 4.87 -0.71
C ILE A 162 -11.15 6.11 -1.17
N THR A 163 -11.81 7.28 -1.20
CA THR A 163 -11.24 8.50 -1.82
C THR A 163 -10.19 9.18 -0.91
N LYS A 164 -10.16 8.78 0.36
CA LYS A 164 -9.02 9.01 1.24
C LYS A 164 -7.76 8.31 0.80
N HIS A 165 -7.87 7.26 0.03
CA HIS A 165 -6.69 6.57 -0.38
C HIS A 165 -6.32 6.84 -1.78
N VAL A 166 -7.26 7.16 -2.63
CA VAL A 166 -6.91 7.12 -4.03
C VAL A 166 -6.59 8.56 -4.41
N SER A 167 -5.74 8.70 -5.41
CA SER A 167 -5.38 9.99 -5.93
C SER A 167 -6.52 10.43 -6.87
N VAL A 168 -6.94 9.50 -7.76
CA VAL A 168 -7.98 9.71 -8.81
C VAL A 168 -9.18 8.79 -8.69
N LEU A 169 -10.35 9.38 -8.52
CA LEU A 169 -11.66 8.77 -8.69
C LEU A 169 -12.23 8.97 -10.11
N TYR A 170 -12.44 7.88 -10.84
CA TYR A 170 -12.97 7.90 -12.23
C TYR A 170 -14.37 7.25 -12.27
N CYS A 171 -15.39 8.06 -12.49
CA CYS A 171 -16.78 7.59 -12.52
C CYS A 171 -17.29 7.47 -13.97
N LEU A 172 -17.95 6.36 -14.30
CA LEU A 172 -18.47 6.18 -15.65
C LEU A 172 -19.95 6.33 -15.58
N GLY A 173 -20.50 7.40 -16.17
CA GLY A 173 -21.93 7.64 -16.14
C GLY A 173 -22.19 9.13 -15.94
N LYS A 174 -22.17 9.93 -17.03
CA LYS A 174 -22.34 11.40 -16.89
C LYS A 174 -23.64 11.73 -16.17
N THR A 175 -24.74 11.03 -16.49
CA THR A 175 -26.01 11.34 -15.84
C THR A 175 -26.01 10.70 -14.45
N ASP A 176 -25.67 9.41 -14.39
CA ASP A 176 -25.52 8.72 -13.08
C ASP A 176 -24.69 9.54 -12.06
N PHE A 177 -23.54 10.06 -12.48
CA PHE A 177 -22.59 10.74 -11.56
C PHE A 177 -22.50 12.26 -11.61
N SER A 178 -23.49 12.92 -12.21
CA SER A 178 -23.44 14.37 -12.30
C SER A 178 -23.45 15.05 -10.95
N ASN A 179 -23.97 14.42 -9.90
CA ASN A 179 -23.91 15.07 -8.60
C ASN A 179 -22.90 14.43 -7.60
N ILE A 180 -21.84 13.79 -8.11
CA ILE A 180 -20.91 13.07 -7.22
C ILE A 180 -20.19 13.90 -6.13
N ARG A 181 -19.77 15.11 -6.45
CA ARG A 181 -19.08 15.96 -5.49
C ARG A 181 -19.92 16.21 -4.23
N ALA A 182 -21.23 16.38 -4.39
CA ALA A 182 -22.13 16.46 -3.21
C ALA A 182 -21.97 15.24 -2.28
N LYS A 183 -21.62 14.08 -2.83
CA LYS A 183 -21.62 12.87 -2.04
C LYS A 183 -20.33 12.67 -1.26
N LEU A 184 -19.37 13.59 -1.35
CA LEU A 184 -18.05 13.43 -0.76
C LEU A 184 -17.73 14.59 0.15
N GLU A 185 -16.97 14.33 1.20
CA GLU A 185 -16.64 15.40 2.14
C GLU A 185 -15.53 16.16 1.47
N SER A 186 -14.31 15.65 1.57
CA SER A 186 -13.15 16.40 1.15
C SER A 186 -12.84 16.11 -0.31
N GLY A 187 -12.18 17.07 -0.98
CA GLY A 187 -11.97 16.99 -2.42
C GLY A 187 -11.08 15.83 -2.83
N VAL A 188 -11.32 15.32 -4.03
CA VAL A 188 -10.43 14.35 -4.66
C VAL A 188 -10.38 14.62 -6.19
N THR A 189 -9.24 14.36 -6.84
CA THR A 189 -9.27 14.37 -8.25
C THR A 189 -10.41 13.47 -8.74
N THR A 190 -11.45 14.09 -9.31
CA THR A 190 -12.64 13.44 -9.87
C THR A 190 -12.89 13.68 -11.37
N ILE A 191 -12.84 12.61 -12.17
CA ILE A 191 -13.21 12.65 -13.55
C ILE A 191 -14.52 11.84 -13.80
N VAL A 192 -15.47 12.43 -14.50
CA VAL A 192 -16.77 11.80 -14.78
C VAL A 192 -16.85 11.56 -16.25
N GLY A 193 -16.80 10.33 -16.66
CA GLY A 193 -16.74 9.94 -18.11
C GLY A 193 -18.07 9.43 -18.61
N TYR A 194 -18.08 9.04 -19.88
CA TYR A 194 -19.29 8.46 -20.47
C TYR A 194 -19.40 7.00 -20.07
N HIS A 195 -20.64 6.52 -19.92
CA HIS A 195 -20.93 5.08 -19.76
C HIS A 195 -20.48 4.44 -21.08
N PRO A 196 -19.86 3.25 -21.05
CA PRO A 196 -19.44 2.49 -22.28
C PRO A 196 -20.51 2.15 -23.34
N ALA A 197 -21.73 1.87 -22.88
CA ALA A 197 -23.00 2.03 -23.64
C ALA A 197 -23.65 3.45 -23.71
N ALA A 198 -22.90 4.55 -23.70
CA ALA A 198 -23.50 5.85 -24.07
C ALA A 198 -23.83 5.86 -25.58
N ARG A 199 -24.78 6.71 -25.96
CA ARG A 199 -25.14 6.89 -27.37
C ARG A 199 -23.94 7.43 -28.16
N ASP A 200 -24.04 7.33 -29.48
CA ASP A 200 -23.13 7.97 -30.45
C ASP A 200 -21.66 7.47 -30.40
N ARG A 201 -21.42 6.28 -29.83
CA ARG A 201 -20.04 5.80 -29.65
C ARG A 201 -19.17 6.80 -28.82
N GLN A 202 -19.79 7.61 -27.97
CA GLN A 202 -19.06 8.68 -27.23
C GLN A 202 -17.93 8.19 -26.32
N PHE A 203 -18.09 6.99 -25.79
CA PHE A 203 -17.09 6.32 -24.99
C PHE A 203 -15.87 5.87 -25.81
N GLU A 204 -16.06 5.69 -27.10
CA GLU A 204 -14.95 5.37 -27.97
C GLU A 204 -13.94 6.55 -28.07
N LYS A 205 -14.41 7.79 -28.13
CA LYS A 205 -13.54 8.97 -28.20
C LYS A 205 -13.25 9.63 -26.82
N ASP A 206 -13.57 8.89 -25.73
CA ASP A 206 -13.45 9.32 -24.35
C ASP A 206 -12.03 8.85 -23.96
N ARG A 207 -11.18 9.73 -23.46
CA ARG A 207 -9.77 9.41 -23.27
C ARG A 207 -9.39 9.36 -21.80
N SER A 208 -10.37 9.02 -20.96
CA SER A 208 -10.20 9.00 -19.55
C SER A 208 -9.03 8.18 -19.06
N PHE A 209 -8.74 7.08 -19.71
CA PHE A 209 -7.68 6.24 -19.22
C PHE A 209 -6.31 6.93 -19.31
N GLU A 210 -6.08 7.61 -20.42
CA GLU A 210 -4.94 8.47 -20.58
C GLU A 210 -4.96 9.69 -19.63
N ILE A 211 -6.10 10.32 -19.42
CA ILE A 211 -6.20 11.53 -18.59
C ILE A 211 -5.82 11.25 -17.13
N ILE A 212 -6.24 10.11 -16.64
CA ILE A 212 -5.94 9.62 -15.28
C ILE A 212 -4.46 9.50 -15.06
N ASN A 213 -3.76 8.93 -16.02
CA ASN A 213 -2.33 8.78 -15.88
C ASN A 213 -1.58 10.06 -15.80
N VAL A 214 -2.04 11.09 -16.55
CA VAL A 214 -1.36 12.38 -16.54
C VAL A 214 -1.68 12.99 -15.24
N LEU A 215 -2.94 12.87 -14.81
CA LEU A 215 -3.27 13.44 -13.52
C LEU A 215 -2.44 12.81 -12.39
N LEU A 216 -2.06 11.54 -12.57
CA LEU A 216 -1.34 10.81 -11.48
C LEU A 216 0.05 11.42 -11.41
N GLU A 217 0.73 11.47 -12.58
CA GLU A 217 2.02 12.11 -12.71
C GLU A 217 2.13 13.51 -12.12
N LEU A 218 1.07 14.29 -12.23
CA LEU A 218 0.95 15.55 -11.54
C LEU A 218 0.82 15.51 -10.04
N ASP A 219 0.45 14.35 -9.46
CA ASP A 219 0.29 14.19 -7.97
C ASP A 219 1.44 13.31 -7.50
N ASN A 220 2.52 13.31 -8.28
CA ASN A 220 3.72 12.49 -8.14
C ASN A 220 3.38 11.10 -7.74
N LYS A 221 2.46 10.52 -8.51
CA LYS A 221 2.14 9.08 -8.41
C LYS A 221 2.53 8.42 -9.68
N VAL A 222 2.50 7.11 -9.66
CA VAL A 222 2.95 6.29 -10.78
C VAL A 222 1.77 5.99 -11.63
N PRO A 223 1.94 5.95 -12.94
CA PRO A 223 0.75 5.75 -13.73
C PRO A 223 0.29 4.29 -13.70
N ILE A 224 -0.98 4.08 -14.13
CA ILE A 224 -1.58 2.78 -14.18
C ILE A 224 -1.13 2.11 -15.46
N ASN A 225 -0.76 0.84 -15.29
CA ASN A 225 -0.47 -0.04 -16.40
C ASN A 225 -1.75 -0.76 -16.86
N TRP A 226 -2.49 -0.13 -17.79
CA TRP A 226 -3.82 -0.63 -18.19
C TRP A 226 -3.78 -2.01 -18.83
N ALA A 227 -2.64 -2.35 -19.44
CA ALA A 227 -2.41 -3.67 -20.05
C ALA A 227 -2.43 -4.86 -19.08
N GLN A 228 -2.05 -4.68 -17.82
CA GLN A 228 -2.14 -5.73 -16.79
C GLN A 228 -3.57 -6.35 -16.61
N GLY A 229 -4.61 -5.63 -17.09
CA GLY A 229 -5.97 -6.08 -16.98
C GLY A 229 -6.27 -7.14 -17.99
N PHE A 230 -5.45 -7.28 -19.01
CA PHE A 230 -5.72 -8.26 -20.05
C PHE A 230 -5.64 -9.72 -19.57
N ILE A 231 -6.50 -10.56 -20.13
CA ILE A 231 -6.45 -12.01 -19.87
C ILE A 231 -6.19 -12.73 -21.21
N TYR A 232 -5.09 -13.46 -21.23
CA TYR A 232 -4.60 -14.07 -22.46
C TYR A 232 -4.93 -15.55 -22.58
N ALA B 2 -16.61 19.08 -19.50
CA ALA B 2 -16.44 18.04 -20.59
C ALA B 2 -15.49 16.94 -20.10
N MET B 3 -14.26 17.36 -19.75
CA MET B 3 -13.27 16.61 -18.93
C MET B 3 -12.61 15.34 -19.45
N THR B 4 -13.12 14.81 -20.56
CA THR B 4 -12.85 13.48 -21.05
C THR B 4 -12.26 13.47 -22.48
N SER B 5 -12.10 14.66 -23.05
CA SER B 5 -11.83 14.89 -24.45
C SER B 5 -10.34 14.85 -24.71
N SER B 6 -9.92 14.66 -25.97
CA SER B 6 -8.55 14.95 -26.44
C SER B 6 -7.92 16.31 -26.07
N ALA B 7 -8.74 17.34 -26.00
CA ALA B 7 -8.38 18.69 -25.62
C ALA B 7 -8.00 18.82 -24.15
N ASP B 8 -8.83 18.19 -23.32
CA ASP B 8 -8.57 18.01 -21.89
C ASP B 8 -7.22 17.33 -21.70
N LEU B 9 -6.98 16.20 -22.39
CA LEU B 9 -5.66 15.50 -22.35
C LEU B 9 -4.49 16.33 -22.87
N THR B 10 -4.69 17.07 -23.94
CA THR B 10 -3.67 18.03 -24.40
C THR B 10 -3.30 19.12 -23.32
N ASN B 11 -4.30 19.65 -22.62
CA ASN B 11 -4.03 20.73 -21.69
C ASN B 11 -3.29 20.22 -20.41
N LEU B 12 -3.63 19.01 -19.97
CA LEU B 12 -3.00 18.39 -18.82
C LEU B 12 -1.57 18.01 -19.13
N LYS B 13 -1.32 17.48 -20.33
CA LYS B 13 0.06 17.30 -20.76
C LYS B 13 0.93 18.56 -20.81
N GLU B 14 0.36 19.65 -21.32
CA GLU B 14 1.09 20.88 -21.33
C GLU B 14 1.40 21.33 -19.84
N LEU B 15 0.38 21.25 -18.97
CA LEU B 15 0.50 21.59 -17.56
C LEU B 15 1.59 20.75 -16.94
N LEU B 16 1.67 19.48 -17.33
CA LEU B 16 2.65 18.54 -16.79
C LEU B 16 4.08 18.89 -17.22
N SER B 17 4.26 19.08 -18.52
CA SER B 17 5.48 19.55 -19.07
C SER B 17 5.97 20.89 -18.48
N LEU B 18 5.06 21.82 -18.24
CA LEU B 18 5.49 23.06 -17.63
C LEU B 18 5.93 22.80 -16.22
N TYR B 19 5.19 21.98 -15.48
CA TYR B 19 5.50 21.73 -14.07
C TYR B 19 6.89 21.13 -13.86
N LYS B 20 7.27 20.25 -14.76
CA LYS B 20 8.60 19.68 -14.77
C LYS B 20 9.80 20.67 -14.89
N SER B 21 9.78 21.62 -15.84
CA SER B 21 10.93 22.52 -16.01
C SER B 21 10.90 23.64 -14.97
N LEU B 22 9.74 24.28 -14.87
CA LEU B 22 9.40 25.28 -13.85
C LEU B 22 10.31 26.54 -13.88
N ARG B 23 10.88 26.80 -15.06
CA ARG B 23 11.83 27.86 -15.33
C ARG B 23 11.00 28.65 -16.29
N PHE B 24 10.38 29.73 -15.85
CA PHE B 24 9.59 30.51 -16.80
C PHE B 24 10.42 31.69 -17.21
N SER B 25 10.39 31.95 -18.51
CA SER B 25 11.23 32.96 -19.13
C SER B 25 10.53 34.31 -19.23
N ASP B 26 9.21 34.29 -19.06
CA ASP B 26 8.37 35.48 -19.26
C ASP B 26 7.01 35.33 -18.55
N SER B 27 6.29 36.43 -18.49
CA SER B 27 5.14 36.51 -17.60
C SER B 27 3.83 35.91 -18.22
N ALA B 28 3.93 35.47 -19.48
CA ALA B 28 2.86 34.73 -20.15
C ALA B 28 3.08 33.22 -20.04
N ALA B 29 4.31 32.73 -19.99
CA ALA B 29 4.57 31.34 -19.60
C ALA B 29 4.00 31.03 -18.21
N ILE B 30 4.35 31.86 -17.23
CA ILE B 30 3.92 31.69 -15.86
C ILE B 30 2.39 31.79 -15.75
N GLU B 31 1.80 32.67 -16.55
CA GLU B 31 0.39 32.90 -16.53
C GLU B 31 -0.33 31.74 -17.20
N LYS B 32 0.34 31.09 -18.15
CA LYS B 32 -0.22 29.94 -18.85
C LYS B 32 -0.35 28.82 -17.80
N TYR B 33 0.74 28.60 -17.07
CA TYR B 33 0.82 27.63 -16.03
C TYR B 33 -0.25 27.80 -14.97
N ASN B 34 -0.37 29.01 -14.41
CA ASN B 34 -1.37 29.25 -13.37
C ASN B 34 -2.78 29.19 -13.90
N SER B 35 -2.94 29.45 -15.19
CA SER B 35 -4.25 29.38 -15.86
C SER B 35 -4.70 27.95 -16.07
N LEU B 36 -3.74 27.13 -16.50
CA LEU B 36 -3.89 25.66 -16.53
C LEU B 36 -4.19 25.04 -15.18
N VAL B 37 -3.37 25.37 -14.19
CA VAL B 37 -3.62 24.90 -12.86
C VAL B 37 -5.03 25.24 -12.47
N GLU B 38 -5.43 26.47 -12.65
CA GLU B 38 -6.77 26.87 -12.20
C GLU B 38 -7.91 26.18 -12.99
N TRP B 39 -7.66 25.90 -14.27
CA TRP B 39 -8.58 25.16 -15.12
C TRP B 39 -8.72 23.64 -14.66
N GLY B 40 -7.57 22.97 -14.51
CA GLY B 40 -7.44 21.65 -13.91
C GLY B 40 -8.17 21.50 -12.58
N THR B 41 -7.87 22.39 -11.65
CA THR B 41 -8.52 22.42 -10.37
C THR B 41 -10.03 22.56 -10.41
N SER B 42 -10.53 23.36 -11.38
CA SER B 42 -11.95 23.61 -11.45
C SER B 42 -12.66 22.40 -12.17
N THR B 43 -12.05 21.87 -13.24
CA THR B 43 -12.55 20.77 -14.01
C THR B 43 -12.50 19.41 -13.22
N TYR B 44 -11.40 19.11 -12.51
CA TYR B 44 -11.26 17.85 -11.78
C TYR B 44 -11.39 17.97 -10.24
N TRP B 45 -11.74 19.13 -9.74
CA TRP B 45 -11.94 19.38 -8.29
C TRP B 45 -10.65 19.60 -7.52
N LYS B 46 -9.67 18.76 -7.78
CA LYS B 46 -8.40 18.89 -7.12
C LYS B 46 -7.37 18.15 -7.94
N ILE B 47 -6.20 18.75 -8.10
CA ILE B 47 -5.09 18.16 -8.81
C ILE B 47 -3.82 18.37 -7.96
N GLY B 48 -2.73 17.72 -8.30
CA GLY B 48 -1.57 17.69 -7.37
C GLY B 48 -0.50 18.77 -7.54
N VAL B 49 -0.87 19.90 -8.14
CA VAL B 49 0.06 20.97 -8.36
C VAL B 49 -0.65 22.25 -7.98
N GLN B 50 0.12 23.19 -7.47
CA GLN B 50 -0.40 24.48 -7.05
C GLN B 50 0.09 25.52 -8.05
N LYS B 51 -0.61 26.64 -8.03
CA LYS B 51 -0.11 27.89 -8.57
C LYS B 51 1.26 28.29 -7.98
N VAL B 52 2.07 28.90 -8.83
CA VAL B 52 3.32 29.53 -8.38
C VAL B 52 3.23 31.08 -8.39
N ASP C 13 -11.81 5.17 16.61
CA ASP C 13 -10.78 4.87 15.54
C ASP C 13 -9.41 4.50 16.20
N PRO C 14 -8.46 3.90 15.42
CA PRO C 14 -7.18 3.45 16.03
C PRO C 14 -6.12 4.55 16.30
N MET C 15 -6.28 5.76 15.70
CA MET C 15 -5.31 6.90 15.77
C MET C 15 -5.47 7.83 16.96
N ASN C 16 -4.36 8.29 17.49
CA ASN C 16 -4.38 9.25 18.58
C ASN C 16 -3.29 10.26 18.28
N SER C 17 -3.21 11.26 19.13
CA SER C 17 -2.24 12.31 18.94
C SER C 17 -1.74 12.76 20.30
N VAL C 18 -0.50 13.23 20.33
CA VAL C 18 0.05 13.85 21.54
C VAL C 18 0.77 15.13 21.08
N THR C 19 0.91 16.03 22.03
CA THR C 19 1.49 17.34 21.72
C THR C 19 2.91 17.47 22.28
N VAL C 20 3.79 17.98 21.42
CA VAL C 20 5.19 18.28 21.80
C VAL C 20 5.49 19.76 21.66
N SER C 21 6.53 20.19 22.37
CA SER C 21 6.83 21.60 22.48
C SER C 21 7.82 22.08 21.42
N HIS C 22 8.17 21.23 20.46
CA HIS C 22 8.87 21.70 19.26
C HIS C 22 8.25 21.01 18.06
N ALA C 23 8.52 21.57 16.91
CA ALA C 23 8.11 21.00 15.63
C ALA C 23 8.47 19.51 15.56
N PRO C 24 7.58 18.70 14.93
CA PRO C 24 6.34 19.14 14.27
C PRO C 24 5.12 19.43 15.22
N TYR C 25 5.31 19.42 16.55
CA TYR C 25 4.29 19.86 17.56
C TYR C 25 3.17 18.83 17.82
N THR C 26 2.88 18.02 16.81
CA THR C 26 1.91 16.97 16.89
C THR C 26 2.56 15.71 16.33
N ILE C 27 2.51 14.66 17.13
CA ILE C 27 2.73 13.31 16.67
C ILE C 27 1.45 12.49 16.77
N THR C 28 1.00 12.02 15.62
CA THR C 28 -0.16 11.18 15.49
C THR C 28 0.31 9.69 15.58
N TYR C 29 -0.43 8.82 16.26
CA TYR C 29 0.04 7.44 16.46
C TYR C 29 -1.05 6.43 16.59
N HIS C 30 -0.90 5.32 15.87
CA HIS C 30 -1.73 4.14 16.09
C HIS C 30 -1.62 3.65 17.54
N ASP C 31 -2.72 3.14 18.07
CA ASP C 31 -2.79 2.59 19.44
C ASP C 31 -1.68 1.63 19.80
N ASP C 32 -1.19 0.82 18.85
CA ASP C 32 -0.19 -0.20 19.16
C ASP C 32 1.07 0.46 19.67
N TRP C 33 1.27 1.74 19.32
CA TRP C 33 2.41 2.48 19.86
C TRP C 33 2.22 3.11 21.21
N GLU C 34 1.00 3.08 21.75
CA GLU C 34 0.66 3.67 23.06
C GLU C 34 1.74 3.60 24.19
N PRO C 35 2.20 2.40 24.57
CA PRO C 35 3.07 2.25 25.77
C PRO C 35 4.35 3.05 25.83
N VAL C 36 4.83 3.55 24.69
CA VAL C 36 6.09 4.27 24.63
C VAL C 36 5.93 5.77 24.45
N MET C 37 4.72 6.19 24.11
CA MET C 37 4.47 7.57 23.75
C MET C 37 4.85 8.58 24.78
N SER C 38 4.57 8.29 26.05
CA SER C 38 5.07 9.16 27.13
C SER C 38 6.55 9.37 27.02
N GLN C 39 7.32 8.29 27.15
CA GLN C 39 8.78 8.38 27.10
C GLN C 39 9.28 9.21 25.90
N LEU C 40 8.70 8.94 24.75
CA LEU C 40 9.14 9.54 23.51
C LEU C 40 8.95 11.04 23.56
N VAL C 41 7.74 11.47 23.96
CA VAL C 41 7.43 12.90 24.23
C VAL C 41 8.50 13.48 25.16
N GLU C 42 8.69 12.84 26.31
CA GLU C 42 9.72 13.26 27.26
C GLU C 42 11.08 13.43 26.55
N PHE C 43 11.51 12.43 25.75
CA PHE C 43 12.85 12.50 25.09
C PHE C 43 12.95 13.45 23.91
N TYR C 44 11.89 13.56 23.12
CA TYR C 44 11.97 14.41 21.93
C TYR C 44 12.04 15.90 22.36
N ASN C 45 11.27 16.27 23.38
CA ASN C 45 11.35 17.61 23.96
C ASN C 45 12.72 18.01 24.48
N GLU C 46 13.48 17.08 25.07
CA GLU C 46 14.89 17.29 25.43
C GLU C 46 15.78 17.63 24.23
N VAL C 47 15.61 16.93 23.09
CA VAL C 47 16.63 16.99 22.04
C VAL C 47 16.26 17.77 20.79
N ALA C 48 14.99 18.03 20.60
CA ALA C 48 14.50 18.53 19.30
C ALA C 48 15.09 19.85 18.87
N SER C 49 15.33 20.75 19.85
CA SER C 49 15.97 22.09 19.61
C SER C 49 17.21 21.93 18.74
N TRP C 50 18.09 20.99 19.11
CA TRP C 50 19.32 20.62 18.37
C TRP C 50 19.08 20.05 16.97
N LEU C 51 18.22 19.04 16.85
CA LEU C 51 17.83 18.45 15.52
C LEU C 51 17.31 19.49 14.53
N LEU C 52 16.44 20.33 15.05
CA LEU C 52 15.83 21.38 14.28
C LEU C 52 16.78 22.53 13.88
N ARG C 53 17.84 22.83 14.67
CA ARG C 53 18.90 23.77 14.23
C ARG C 53 19.31 23.47 12.78
N ASP C 54 19.45 22.19 12.44
CA ASP C 54 19.80 21.76 11.07
C ASP C 54 18.61 21.52 10.15
N GLU C 55 18.84 21.67 8.86
CA GLU C 55 17.86 21.32 7.85
C GLU C 55 17.94 19.78 7.59
N THR C 56 16.81 19.06 7.65
CA THR C 56 16.84 17.59 7.74
C THR C 56 16.28 16.80 6.57
N SER C 57 16.62 15.52 6.55
CA SER C 57 15.91 14.49 5.81
C SER C 57 15.39 13.47 6.83
N PRO C 58 14.08 13.16 6.83
CA PRO C 58 13.04 13.89 6.10
C PRO C 58 12.75 15.19 6.87
N ILE C 59 11.79 15.97 6.38
CA ILE C 59 11.40 17.21 7.07
C ILE C 59 10.72 16.86 8.40
N PRO C 60 10.73 17.80 9.36
CA PRO C 60 10.21 17.40 10.67
C PRO C 60 8.74 16.93 10.70
N ASP C 61 7.90 17.50 9.84
CA ASP C 61 6.52 17.05 9.65
C ASP C 61 6.33 15.56 9.26
N LYS C 62 7.37 14.92 8.73
CA LYS C 62 7.37 13.53 8.29
C LYS C 62 8.26 12.65 9.18
N PHE C 63 8.93 13.20 10.20
CA PHE C 63 9.76 12.39 11.13
C PHE C 63 9.13 11.08 11.64
N PHE C 64 7.85 11.15 11.97
CA PHE C 64 7.11 10.19 12.72
C PHE C 64 5.95 9.58 11.93
N ILE C 65 5.91 9.71 10.62
CA ILE C 65 4.77 9.14 9.93
C ILE C 65 4.68 7.61 10.01
N GLN C 66 5.78 6.88 10.13
CA GLN C 66 5.67 5.43 10.27
C GLN C 66 4.94 4.96 11.50
N LEU C 67 4.87 5.78 12.53
CA LEU C 67 4.18 5.32 13.70
C LEU C 67 2.65 5.54 13.64
N LYS C 68 2.13 5.90 12.46
CA LYS C 68 0.74 5.64 12.09
C LYS C 68 0.49 4.16 11.69
N GLN C 69 1.53 3.39 11.44
CA GLN C 69 1.36 1.96 11.11
C GLN C 69 0.93 1.17 12.34
N PRO C 70 -0.01 0.24 12.13
CA PRO C 70 -0.23 -0.80 13.16
C PRO C 70 0.97 -1.74 13.22
N LEU C 71 1.16 -2.32 14.40
CA LEU C 71 2.24 -3.25 14.71
C LEU C 71 1.77 -4.71 14.91
N ARG C 72 0.58 -4.85 15.49
CA ARG C 72 0.01 -6.13 15.81
C ARG C 72 -0.16 -7.04 14.58
N ASN C 73 -0.23 -6.51 13.38
CA ASN C 73 -0.29 -7.33 12.17
C ASN C 73 1.09 -7.50 11.46
N LYS C 74 2.21 -7.29 12.16
CA LYS C 74 3.53 -7.29 11.52
C LYS C 74 4.43 -8.46 11.98
N ARG C 75 5.12 -9.10 11.04
CA ARG C 75 6.02 -10.23 11.34
C ARG C 75 7.48 -9.93 11.23
N VAL C 76 7.82 -8.97 10.37
CA VAL C 76 9.22 -8.65 10.04
C VAL C 76 9.45 -7.15 10.17
N CYS C 77 10.58 -6.77 10.69
CA CYS C 77 10.99 -5.40 10.65
C CYS C 77 12.19 -5.37 9.75
N VAL C 78 12.12 -4.61 8.67
CA VAL C 78 13.28 -4.36 7.83
C VAL C 78 13.86 -2.97 8.16
N CYS C 79 15.00 -2.97 8.86
CA CYS C 79 15.65 -1.78 9.43
C CYS C 79 16.91 -1.28 8.74
N GLY C 80 16.95 0.01 8.41
CA GLY C 80 18.18 0.65 7.92
C GLY C 80 18.58 1.64 8.99
N ILE C 81 19.81 2.17 8.90
CA ILE C 81 20.35 2.93 10.00
C ILE C 81 19.68 4.29 10.16
N ASP C 82 19.44 4.97 9.04
CA ASP C 82 18.79 6.28 9.03
C ASP C 82 18.19 6.67 7.64
N PRO C 83 17.52 7.80 7.59
CA PRO C 83 16.89 8.09 6.33
C PRO C 83 17.94 8.27 5.23
N TYR C 84 17.49 8.20 3.99
CA TYR C 84 18.31 8.63 2.87
C TYR C 84 18.84 10.03 3.21
N PRO C 85 20.13 10.29 2.93
CA PRO C 85 20.70 11.59 3.33
C PRO C 85 20.04 12.80 2.63
N LYS C 86 19.37 12.58 1.51
CA LYS C 86 18.46 13.59 0.96
C LYS C 86 17.14 12.95 0.52
N ASP C 87 16.05 13.73 0.47
CA ASP C 87 14.78 13.28 -0.14
C ASP C 87 14.00 12.26 0.71
N GLY C 88 14.35 12.11 1.98
CA GLY C 88 13.61 11.19 2.82
C GLY C 88 12.15 11.61 2.85
N THR C 89 11.24 10.65 2.67
CA THR C 89 9.75 10.89 2.75
C THR C 89 9.09 10.66 4.14
N GLY C 90 9.85 10.17 5.12
CA GLY C 90 9.29 9.68 6.40
C GLY C 90 8.98 8.17 6.42
N VAL C 91 8.94 7.54 5.26
CA VAL C 91 8.69 6.13 5.11
C VAL C 91 10.01 5.54 4.68
N PRO C 92 10.60 4.70 5.56
CA PRO C 92 11.93 4.17 5.32
C PRO C 92 11.97 3.42 4.04
N PHE C 93 13.05 3.60 3.30
CA PHE C 93 13.33 2.99 2.02
C PHE C 93 12.55 3.56 0.90
N GLU C 94 11.54 4.39 1.16
CA GLU C 94 10.67 4.78 0.05
C GLU C 94 11.37 5.85 -0.82
N SER C 95 11.38 5.61 -2.12
CA SER C 95 11.79 6.56 -3.14
C SER C 95 10.69 6.56 -4.20
N PRO C 96 9.73 7.53 -4.15
CA PRO C 96 8.56 7.51 -5.07
C PRO C 96 8.91 7.54 -6.56
N ASN C 97 10.02 8.15 -6.93
CA ASN C 97 10.42 8.26 -8.34
C ASN C 97 11.31 7.07 -8.73
N PHE C 98 11.64 6.24 -7.74
CA PHE C 98 12.45 5.05 -7.89
C PHE C 98 13.84 5.35 -8.46
N THR C 99 14.48 6.33 -7.84
CA THR C 99 15.85 6.70 -8.14
C THR C 99 16.87 6.29 -7.06
N LYS C 100 16.46 5.98 -5.82
CA LYS C 100 17.47 5.65 -4.76
C LYS C 100 18.07 4.24 -4.94
N LYS C 101 19.36 4.08 -4.62
CA LYS C 101 20.09 2.86 -4.98
C LYS C 101 19.70 1.69 -4.06
N SER C 102 19.49 1.95 -2.77
CA SER C 102 19.17 0.91 -1.82
C SER C 102 17.88 0.24 -2.25
N ILE C 103 16.83 1.03 -2.47
CA ILE C 103 15.51 0.47 -2.88
C ILE C 103 15.50 -0.21 -4.26
N LYS C 104 16.41 0.18 -5.13
CA LYS C 104 16.47 -0.39 -6.48
C LYS C 104 17.13 -1.76 -6.40
N GLU C 105 18.18 -1.84 -5.58
CA GLU C 105 18.91 -3.07 -5.33
C GLU C 105 18.06 -4.11 -4.63
N ILE C 106 17.31 -3.67 -3.63
CA ILE C 106 16.36 -4.49 -2.93
C ILE C 106 15.35 -5.07 -3.93
N ALA C 107 14.72 -4.19 -4.73
CA ALA C 107 13.77 -4.61 -5.76
C ALA C 107 14.38 -5.62 -6.69
N SER C 108 15.63 -5.40 -7.11
CA SER C 108 16.24 -6.30 -8.09
C SER C 108 16.52 -7.68 -7.42
N SER C 109 16.80 -7.76 -6.11
CA SER C 109 16.89 -9.11 -5.44
C SER C 109 15.56 -9.83 -5.45
N ILE C 110 14.51 -9.09 -5.13
CA ILE C 110 13.18 -9.69 -5.12
C ILE C 110 12.69 -10.06 -6.53
N SER C 111 13.16 -9.34 -7.53
CA SER C 111 12.94 -9.73 -8.91
C SER C 111 13.63 -11.08 -9.23
N ARG C 112 14.88 -11.26 -8.81
CA ARG C 112 15.58 -12.52 -9.08
C ARG C 112 14.88 -13.64 -8.29
N LEU C 113 14.52 -13.35 -7.07
CA LEU C 113 13.85 -14.35 -6.23
C LEU C 113 12.49 -14.85 -6.73
N THR C 114 11.73 -14.02 -7.43
CA THR C 114 10.34 -14.30 -7.75
C THR C 114 10.02 -14.41 -9.22
N GLY C 115 10.97 -14.05 -10.10
CA GLY C 115 10.75 -14.06 -11.54
C GLY C 115 10.10 -12.81 -12.12
N VAL C 116 9.60 -11.91 -11.27
CA VAL C 116 8.90 -10.67 -11.71
C VAL C 116 9.93 -9.71 -12.34
N ILE C 117 9.86 -9.46 -13.64
CA ILE C 117 10.89 -8.63 -14.28
C ILE C 117 10.45 -7.26 -14.88
N ASP C 118 9.14 -6.99 -15.00
CA ASP C 118 8.69 -5.73 -15.64
C ASP C 118 7.94 -4.81 -14.68
N TYR C 119 8.71 -4.31 -13.71
CA TYR C 119 8.23 -3.45 -12.62
C TYR C 119 8.79 -2.04 -12.78
N LYS C 120 8.09 -1.03 -12.22
CA LYS C 120 8.53 0.37 -12.27
C LYS C 120 9.05 0.84 -10.96
N GLY C 121 8.73 0.14 -9.88
CA GLY C 121 8.98 0.65 -8.53
C GLY C 121 8.83 -0.41 -7.45
N TYR C 122 9.20 -0.03 -6.25
CA TYR C 122 9.15 -0.96 -5.15
C TYR C 122 9.09 -0.25 -3.79
N ASN C 123 8.17 -0.64 -2.93
CA ASN C 123 8.00 -0.02 -1.63
C ASN C 123 7.71 -1.15 -0.61
N LEU C 124 8.57 -1.23 0.42
CA LEU C 124 8.41 -2.16 1.51
C LEU C 124 7.23 -1.88 2.40
N ASN C 125 6.71 -0.66 2.38
CA ASN C 125 5.58 -0.28 3.26
C ASN C 125 4.17 -0.81 2.81
N ILE C 126 4.05 -1.41 1.61
CA ILE C 126 2.75 -1.90 1.11
C ILE C 126 2.78 -3.43 1.12
N ILE C 127 3.52 -4.03 2.04
CA ILE C 127 3.69 -5.48 2.07
C ILE C 127 3.10 -5.90 3.37
N ASP C 128 2.09 -6.79 3.31
CA ASP C 128 1.44 -7.35 4.53
C ASP C 128 2.51 -8.07 5.42
N GLY C 129 2.49 -7.78 6.72
CA GLY C 129 3.51 -8.26 7.62
C GLY C 129 4.84 -7.48 7.77
N VAL C 130 5.14 -6.55 6.87
CA VAL C 130 6.46 -5.86 6.91
C VAL C 130 6.29 -4.42 7.39
N ILE C 131 7.11 -4.06 8.38
CA ILE C 131 7.29 -2.69 8.76
C ILE C 131 8.71 -2.22 8.49
N PRO C 132 8.88 -1.38 7.46
CA PRO C 132 10.19 -0.86 7.17
C PRO C 132 10.49 0.23 8.20
N TRP C 133 11.73 0.29 8.68
CA TRP C 133 12.10 1.14 9.81
C TRP C 133 13.48 1.77 9.56
N ASN C 134 13.68 2.95 10.13
CA ASN C 134 14.92 3.73 10.11
C ASN C 134 15.32 3.90 11.59
N TYR C 135 16.49 3.41 11.99
CA TYR C 135 16.90 3.41 13.41
C TYR C 135 16.97 4.84 14.01
N TYR C 136 17.61 5.73 13.27
CA TYR C 136 17.55 7.15 13.63
C TYR C 136 16.51 7.74 12.64
N LEU C 137 15.64 8.64 13.11
CA LEU C 137 14.49 9.11 12.30
C LEU C 137 14.78 10.34 11.42
N SER C 138 15.97 10.95 11.61
CA SER C 138 16.46 12.05 10.73
C SER C 138 17.95 12.01 10.58
N CYS C 139 18.42 12.69 9.54
CA CYS C 139 19.81 13.17 9.43
C CYS C 139 19.83 14.63 8.91
N LYS C 140 20.97 15.30 9.08
CA LYS C 140 21.14 16.63 8.52
C LYS C 140 21.26 16.39 7.04
N LEU C 141 20.57 17.17 6.20
CA LEU C 141 20.67 16.99 4.75
C LEU C 141 22.11 16.68 4.38
N GLY C 142 22.34 15.59 3.66
CA GLY C 142 23.67 15.25 3.14
C GLY C 142 24.56 14.34 3.98
N GLU C 143 24.42 14.42 5.29
CA GLU C 143 25.33 13.75 6.21
C GLU C 143 24.67 12.56 6.90
N THR C 144 24.82 11.38 6.33
CA THR C 144 24.44 10.15 7.05
C THR C 144 24.93 10.09 8.53
N LYS C 145 24.08 9.55 9.40
CA LYS C 145 24.36 9.28 10.83
C LYS C 145 24.63 10.50 11.73
N SER C 146 24.41 11.70 11.18
CA SER C 146 24.74 12.96 11.83
C SER C 146 23.91 13.15 13.10
N HIS C 147 22.64 12.70 13.05
CA HIS C 147 21.74 12.88 14.20
C HIS C 147 21.70 11.74 15.18
N ALA C 148 22.53 10.73 14.97
CA ALA C 148 22.69 9.63 15.92
C ALA C 148 22.66 10.03 17.38
N ILE C 149 23.48 11.01 17.74
CA ILE C 149 23.61 11.40 19.14
C ILE C 149 22.27 11.79 19.73
N TYR C 150 21.52 12.59 18.98
CA TYR C 150 20.21 13.11 19.41
C TYR C 150 19.13 12.00 19.54
N TRP C 151 19.05 11.08 18.56
CA TRP C 151 18.01 10.08 18.51
C TRP C 151 18.24 8.89 19.38
N ASP C 152 19.48 8.65 19.80
CA ASP C 152 19.90 7.36 20.34
C ASP C 152 18.93 6.74 21.36
N LYS C 153 18.42 7.52 22.31
CA LYS C 153 17.58 6.93 23.34
C LYS C 153 16.18 6.64 22.79
N ILE C 154 15.77 7.42 21.81
CA ILE C 154 14.48 7.25 21.16
C ILE C 154 14.52 6.00 20.25
N SER C 155 15.58 5.87 19.46
CA SER C 155 15.84 4.70 18.62
C SER C 155 15.79 3.35 19.35
N LYS C 156 16.36 3.32 20.56
CA LYS C 156 16.33 2.17 21.44
C LYS C 156 14.89 1.90 21.87
N LEU C 157 14.27 2.91 22.46
CA LEU C 157 12.85 2.82 22.91
C LEU C 157 11.89 2.24 21.86
N LEU C 158 12.02 2.75 20.63
CA LEU C 158 11.13 2.38 19.53
C LEU C 158 11.40 1.02 18.96
N LEU C 159 12.66 0.71 18.73
CA LEU C 159 13.01 -0.58 18.16
C LEU C 159 12.74 -1.68 19.16
N GLN C 160 13.04 -1.45 20.45
CA GLN C 160 12.72 -2.46 21.47
C GLN C 160 11.25 -2.82 21.48
N HIS C 161 10.44 -1.81 21.24
CA HIS C 161 9.01 -1.98 21.15
C HIS C 161 8.50 -2.63 19.84
N ILE C 162 9.19 -2.40 18.72
CA ILE C 162 8.85 -3.05 17.44
C ILE C 162 9.12 -4.53 17.56
N THR C 163 10.23 -4.79 18.24
CA THR C 163 10.80 -6.08 18.54
C THR C 163 9.98 -6.92 19.49
N LYS C 164 9.14 -6.29 20.32
CA LYS C 164 8.10 -7.06 21.04
C LYS C 164 6.96 -7.61 20.18
N HIS C 165 6.74 -7.12 18.96
CA HIS C 165 5.64 -7.64 18.08
C HIS C 165 6.06 -8.45 16.87
N VAL C 166 7.24 -8.16 16.35
CA VAL C 166 7.72 -8.87 15.13
C VAL C 166 8.43 -10.18 15.48
N SER C 167 8.37 -11.12 14.56
CA SER C 167 9.06 -12.39 14.70
C SER C 167 10.54 -12.24 14.30
N VAL C 168 10.82 -11.57 13.19
CA VAL C 168 12.16 -11.35 12.69
C VAL C 168 12.54 -9.85 12.53
N LEU C 169 13.66 -9.46 13.12
CA LEU C 169 14.37 -8.25 12.80
C LEU C 169 15.42 -8.49 11.69
N TYR C 170 15.29 -7.75 10.60
CA TYR C 170 16.29 -7.65 9.55
C TYR C 170 16.94 -6.24 9.44
N CYS C 171 18.18 -6.14 9.87
CA CYS C 171 19.03 -4.97 9.67
C CYS C 171 19.92 -5.00 8.46
N LEU C 172 19.96 -3.88 7.73
CA LEU C 172 20.84 -3.76 6.56
C LEU C 172 22.01 -2.88 6.92
N GLY C 173 23.21 -3.48 7.00
CA GLY C 173 24.46 -2.78 7.35
C GLY C 173 25.25 -3.49 8.45
N LYS C 174 26.31 -4.22 8.06
CA LYS C 174 27.12 -4.96 9.05
C LYS C 174 27.78 -4.02 10.03
N THR C 175 28.36 -2.93 9.53
CA THR C 175 29.06 -1.96 10.36
C THR C 175 28.07 -1.18 11.26
N ASP C 176 27.09 -0.57 10.62
CA ASP C 176 26.02 0.23 11.31
C ASP C 176 25.32 -0.62 12.43
N PHE C 177 25.07 -1.91 12.15
CA PHE C 177 24.42 -2.76 13.13
C PHE C 177 25.32 -3.84 13.76
N SER C 178 26.63 -3.58 13.69
CA SER C 178 27.64 -4.40 14.34
C SER C 178 27.20 -4.80 15.77
N ASN C 179 26.67 -3.83 16.51
CA ASN C 179 26.38 -3.98 17.91
C ASN C 179 24.88 -3.87 18.31
N ILE C 180 23.98 -4.27 17.40
CA ILE C 180 22.54 -4.05 17.63
C ILE C 180 21.90 -4.93 18.71
N ARG C 181 22.40 -6.14 18.93
CA ARG C 181 22.00 -6.93 20.08
C ARG C 181 22.17 -6.21 21.44
N ALA C 182 23.21 -5.39 21.60
CA ALA C 182 23.42 -4.66 22.86
C ALA C 182 22.34 -3.60 23.12
N LYS C 183 21.82 -3.00 22.05
CA LYS C 183 20.76 -2.02 22.17
C LYS C 183 19.41 -2.64 22.52
N LEU C 184 19.18 -3.94 22.28
CA LEU C 184 17.87 -4.57 22.50
C LEU C 184 17.89 -5.43 23.75
N GLU C 185 16.91 -5.30 24.65
CA GLU C 185 17.07 -5.97 25.94
C GLU C 185 16.56 -7.39 25.81
N SER C 186 15.27 -7.52 25.55
CA SER C 186 14.71 -8.80 25.22
C SER C 186 15.17 -9.29 23.80
N GLY C 187 15.69 -10.53 23.74
CA GLY C 187 16.08 -11.20 22.47
C GLY C 187 14.99 -11.46 21.42
N VAL C 188 15.34 -11.27 20.15
CA VAL C 188 14.47 -11.48 19.00
C VAL C 188 15.31 -12.03 17.84
N THR C 189 14.70 -12.82 16.96
CA THR C 189 15.37 -13.35 15.78
C THR C 189 15.96 -12.21 14.99
N THR C 190 17.30 -12.20 14.83
CA THR C 190 18.04 -11.09 14.19
C THR C 190 18.96 -11.54 13.07
N ILE C 191 18.85 -10.89 11.93
CA ILE C 191 19.74 -11.09 10.79
C ILE C 191 20.36 -9.73 10.57
N VAL C 192 21.68 -9.66 10.50
CA VAL C 192 22.34 -8.46 10.02
C VAL C 192 22.96 -8.80 8.67
N GLY C 193 22.38 -8.26 7.60
CA GLY C 193 22.91 -8.44 6.23
C GLY C 193 23.73 -7.25 5.72
N TYR C 194 24.20 -7.37 4.48
CA TYR C 194 25.02 -6.33 3.91
C TYR C 194 24.15 -5.11 3.57
N HIS C 195 24.74 -3.91 3.49
CA HIS C 195 24.06 -2.74 2.94
C HIS C 195 23.90 -3.01 1.46
N PRO C 196 22.85 -2.47 0.79
CA PRO C 196 22.73 -2.66 -0.67
C PRO C 196 23.81 -1.95 -1.50
N ALA C 197 24.26 -0.78 -1.03
CA ALA C 197 25.61 -0.24 -1.38
C ALA C 197 26.86 -0.84 -0.67
N ALA C 198 26.94 -2.18 -0.52
CA ALA C 198 28.16 -2.83 0.05
C ALA C 198 29.19 -3.00 -1.05
N ARG C 199 30.47 -3.05 -0.68
CA ARG C 199 31.56 -3.29 -1.64
C ARG C 199 31.39 -4.67 -2.29
N ASP C 200 32.22 -4.94 -3.30
CA ASP C 200 32.30 -6.24 -4.01
C ASP C 200 30.92 -6.92 -4.36
N ARG C 201 29.92 -6.14 -4.81
CA ARG C 201 28.57 -6.65 -5.19
C ARG C 201 27.98 -7.76 -4.25
N GLN C 202 28.20 -7.64 -2.93
CA GLN C 202 27.86 -8.68 -1.87
C GLN C 202 26.41 -8.69 -1.33
N PHE C 203 25.70 -7.60 -1.56
CA PHE C 203 24.28 -7.63 -1.40
C PHE C 203 23.63 -8.57 -2.40
N GLU C 204 24.25 -8.86 -3.56
CA GLU C 204 23.63 -9.74 -4.57
C GLU C 204 23.58 -11.23 -4.13
N LYS C 205 24.62 -11.72 -3.46
CA LYS C 205 24.72 -13.09 -2.88
C LYS C 205 24.05 -13.26 -1.48
N ASP C 206 23.34 -12.22 -1.06
CA ASP C 206 22.71 -12.12 0.25
C ASP C 206 21.28 -12.70 0.08
N ARG C 207 20.98 -13.74 0.86
CA ARG C 207 19.70 -14.47 0.75
C ARG C 207 18.73 -14.24 1.93
N SER C 208 18.86 -13.09 2.56
CA SER C 208 18.09 -12.72 3.72
C SER C 208 16.58 -12.80 3.51
N PHE C 209 16.09 -12.36 2.34
CA PHE C 209 14.64 -12.46 2.02
C PHE C 209 14.09 -13.87 2.04
N GLU C 210 14.86 -14.85 1.54
CA GLU C 210 14.44 -16.25 1.67
C GLU C 210 14.62 -16.79 3.07
N ILE C 211 15.75 -16.40 3.65
CA ILE C 211 16.04 -16.78 5.02
C ILE C 211 14.96 -16.31 5.97
N ILE C 212 14.45 -15.10 5.73
CA ILE C 212 13.43 -14.55 6.63
C ILE C 212 12.25 -15.48 6.60
N ASN C 213 11.87 -15.91 5.41
CA ASN C 213 10.64 -16.71 5.26
C ASN C 213 10.74 -18.14 5.88
N VAL C 214 11.95 -18.71 5.90
CA VAL C 214 12.11 -19.95 6.62
C VAL C 214 12.09 -19.68 8.12
N LEU C 215 12.73 -18.62 8.57
CA LEU C 215 12.71 -18.32 10.02
C LEU C 215 11.25 -18.15 10.49
N LEU C 216 10.42 -17.54 9.62
CA LEU C 216 9.01 -17.36 9.92
C LEU C 216 8.26 -18.69 9.96
N GLU C 217 8.47 -19.59 8.99
CA GLU C 217 7.86 -20.93 9.16
C GLU C 217 8.35 -21.70 10.39
N LEU C 218 9.59 -21.48 10.86
CA LEU C 218 10.07 -22.13 12.08
C LEU C 218 9.41 -21.57 13.28
N ASP C 219 8.97 -20.30 13.21
CA ASP C 219 8.19 -19.67 14.30
C ASP C 219 6.70 -19.85 14.03
N ASN C 220 6.33 -20.75 13.12
CA ASN C 220 4.94 -20.97 12.74
C ASN C 220 4.17 -19.72 12.23
N LYS C 221 4.73 -19.08 11.20
CA LYS C 221 4.13 -17.88 10.64
C LYS C 221 4.14 -17.95 9.15
N VAL C 222 3.28 -17.12 8.56
CA VAL C 222 3.12 -17.10 7.11
C VAL C 222 4.33 -16.43 6.52
N PRO C 223 4.83 -16.92 5.38
CA PRO C 223 5.92 -16.17 4.77
C PRO C 223 5.39 -14.85 4.15
N ILE C 224 6.30 -13.89 4.07
CA ILE C 224 6.05 -12.60 3.47
C ILE C 224 5.91 -12.79 1.96
N ASN C 225 4.89 -12.20 1.36
CA ASN C 225 4.92 -12.16 -0.08
C ASN C 225 5.67 -10.91 -0.49
N TRP C 226 6.93 -11.08 -0.87
CA TRP C 226 7.79 -9.95 -1.19
C TRP C 226 7.37 -9.22 -2.43
N ALA C 227 6.66 -9.90 -3.31
CA ALA C 227 6.19 -9.32 -4.55
C ALA C 227 5.04 -8.32 -4.38
N GLN C 228 4.42 -8.25 -3.21
CA GLN C 228 3.43 -7.21 -2.96
C GLN C 228 4.02 -5.79 -3.02
N GLY C 229 5.35 -5.68 -2.86
CA GLY C 229 6.03 -4.42 -2.77
C GLY C 229 6.23 -3.82 -4.15
N PHE C 230 6.14 -4.67 -5.19
CA PHE C 230 6.30 -4.17 -6.54
C PHE C 230 5.22 -3.14 -6.93
N ILE C 231 5.63 -2.17 -7.76
CA ILE C 231 4.76 -1.19 -8.37
C ILE C 231 5.02 -1.31 -9.88
N TYR C 232 3.91 -1.52 -10.60
CA TYR C 232 3.92 -1.69 -12.06
C TYR C 232 3.33 -0.47 -12.79
N ALA D 2 28.13 -14.88 6.71
CA ALA D 2 27.62 -15.03 8.12
C ALA D 2 26.14 -14.58 8.16
N MET D 3 25.24 -15.47 8.56
CA MET D 3 23.78 -15.22 8.66
C MET D 3 22.96 -15.21 7.35
N THR D 4 23.62 -15.00 6.23
CA THR D 4 23.01 -14.41 5.05
C THR D 4 23.19 -15.28 3.79
N SER D 5 23.84 -16.43 3.91
CA SER D 5 24.37 -17.17 2.75
C SER D 5 23.49 -18.39 2.40
N SER D 6 23.77 -18.96 1.24
CA SER D 6 23.09 -20.15 0.77
C SER D 6 23.20 -21.30 1.73
N ALA D 7 24.36 -21.43 2.35
CA ALA D 7 24.63 -22.44 3.34
C ALA D 7 23.72 -22.25 4.54
N ASP D 8 23.57 -21.00 4.98
CA ASP D 8 22.69 -20.66 6.12
C ASP D 8 21.25 -21.07 5.81
N LEU D 9 20.80 -20.65 4.64
CA LEU D 9 19.50 -21.05 4.11
C LEU D 9 19.32 -22.56 4.08
N THR D 10 20.33 -23.28 3.60
CA THR D 10 20.26 -24.76 3.45
C THR D 10 20.09 -25.43 4.82
N ASN D 11 20.83 -24.90 5.79
CA ASN D 11 20.78 -25.52 7.13
C ASN D 11 19.45 -25.30 7.80
N LEU D 12 18.84 -24.13 7.54
CA LEU D 12 17.54 -23.78 8.11
C LEU D 12 16.41 -24.52 7.41
N LYS D 13 16.51 -24.77 6.10
CA LYS D 13 15.51 -25.59 5.46
C LYS D 13 15.56 -26.99 6.08
N GLU D 14 16.78 -27.48 6.36
CA GLU D 14 16.92 -28.82 6.88
C GLU D 14 16.34 -28.81 8.25
N LEU D 15 16.70 -27.82 9.05
CA LEU D 15 16.06 -27.66 10.38
C LEU D 15 14.52 -27.71 10.34
N LEU D 16 13.90 -27.01 9.39
CA LEU D 16 12.42 -27.02 9.22
C LEU D 16 11.87 -28.38 8.75
N SER D 17 12.56 -29.05 7.81
CA SER D 17 12.25 -30.43 7.39
C SER D 17 12.29 -31.45 8.50
N LEU D 18 13.31 -31.37 9.34
CA LEU D 18 13.43 -32.25 10.49
C LEU D 18 12.42 -31.94 11.57
N TYR D 19 12.05 -30.70 11.72
CA TYR D 19 11.01 -30.36 12.69
C TYR D 19 9.62 -30.89 12.28
N LYS D 20 9.36 -30.89 10.97
CA LYS D 20 8.08 -31.40 10.46
C LYS D 20 8.05 -32.92 10.52
N SER D 21 9.16 -33.60 10.26
CA SER D 21 9.19 -35.07 10.32
C SER D 21 9.70 -35.65 11.67
N LEU D 22 9.75 -34.85 12.73
CA LEU D 22 10.46 -35.30 13.93
C LEU D 22 9.71 -36.45 14.59
N ARG D 23 10.41 -37.55 14.89
CA ARG D 23 9.85 -38.75 15.55
C ARG D 23 10.67 -39.12 16.79
N PHE D 24 10.03 -39.27 17.93
CA PHE D 24 10.78 -39.59 19.18
C PHE D 24 11.42 -40.97 19.34
N SER D 25 10.92 -41.96 18.61
CA SER D 25 11.66 -43.23 18.42
C SER D 25 13.08 -43.04 17.89
N ASP D 26 13.28 -42.04 17.03
CA ASP D 26 14.48 -41.89 16.18
C ASP D 26 15.57 -41.01 16.84
N SER D 27 16.30 -41.55 17.81
CA SER D 27 17.21 -40.76 18.66
C SER D 27 18.37 -40.07 17.89
N ALA D 28 18.71 -40.56 16.71
CA ALA D 28 19.70 -39.89 15.82
C ALA D 28 19.18 -38.54 15.26
N ALA D 29 17.93 -38.55 14.76
CA ALA D 29 17.27 -37.38 14.19
C ALA D 29 16.97 -36.32 15.27
N ILE D 30 16.71 -36.76 16.50
CA ILE D 30 16.64 -35.85 17.65
C ILE D 30 18.01 -35.21 17.88
N GLU D 31 19.08 -35.99 17.87
CA GLU D 31 20.42 -35.42 18.13
C GLU D 31 20.71 -34.34 17.07
N LYS D 32 20.51 -34.71 15.80
CA LYS D 32 20.74 -33.86 14.64
C LYS D 32 19.80 -32.62 14.69
N TYR D 33 18.54 -32.81 15.06
CA TYR D 33 17.63 -31.68 15.28
C TYR D 33 18.19 -30.64 16.27
N ASN D 34 18.64 -31.08 17.43
CA ASN D 34 19.08 -30.18 18.50
C ASN D 34 20.35 -29.43 18.18
N SER D 35 21.12 -30.11 17.39
CA SER D 35 22.37 -29.63 16.93
C SER D 35 22.09 -28.41 16.03
N LEU D 36 21.17 -28.56 15.08
CA LEU D 36 20.72 -27.40 14.29
C LEU D 36 20.04 -26.26 15.06
N VAL D 37 19.30 -26.58 16.09
CA VAL D 37 18.71 -25.59 16.94
C VAL D 37 19.79 -24.73 17.66
N GLU D 38 20.80 -25.38 18.22
CA GLU D 38 21.89 -24.69 18.91
C GLU D 38 22.52 -23.73 17.93
N TRP D 39 22.81 -24.25 16.73
CA TRP D 39 23.31 -23.44 15.65
C TRP D 39 22.45 -22.21 15.25
N GLY D 40 21.18 -22.47 14.98
CA GLY D 40 20.22 -21.44 14.58
C GLY D 40 20.01 -20.39 15.68
N THR D 41 19.86 -20.82 16.92
CA THR D 41 19.73 -19.93 18.06
C THR D 41 20.92 -19.02 18.19
N SER D 42 22.09 -19.57 18.02
CA SER D 42 23.34 -18.81 18.11
C SER D 42 23.58 -17.82 16.91
N THR D 43 23.40 -18.31 15.68
CA THR D 43 23.47 -17.44 14.53
C THR D 43 22.45 -16.24 14.63
N TYR D 44 21.19 -16.56 15.00
CA TYR D 44 20.09 -15.62 14.86
C TYR D 44 19.59 -15.11 16.16
N TRP D 45 20.25 -15.50 17.25
CA TRP D 45 19.94 -15.06 18.64
C TRP D 45 18.71 -15.73 19.26
N LYS D 46 17.63 -15.82 18.49
CA LYS D 46 16.49 -16.62 18.89
C LYS D 46 15.74 -17.13 17.65
N ILE D 47 15.21 -18.34 17.74
CA ILE D 47 14.41 -18.87 16.66
C ILE D 47 13.19 -19.54 17.22
N GLY D 48 12.26 -19.88 16.34
CA GLY D 48 10.92 -20.30 16.74
C GLY D 48 10.72 -21.75 17.16
N VAL D 49 11.83 -22.49 17.32
CA VAL D 49 11.86 -23.90 17.72
C VAL D 49 12.85 -24.03 18.91
N GLN D 50 12.56 -24.95 19.83
CA GLN D 50 13.43 -25.24 20.98
C GLN D 50 13.91 -26.68 20.93
N LYS D 51 14.92 -26.92 21.78
CA LYS D 51 15.62 -28.18 21.82
C LYS D 51 14.70 -29.36 22.21
N VAL D 52 14.96 -30.49 21.55
CA VAL D 52 14.54 -31.90 21.84
C VAL D 52 13.10 -32.21 21.50
S SO4 E . -23.83 8.73 -20.06
O1 SO4 E . -22.50 8.64 -19.37
O2 SO4 E . -24.95 9.09 -19.13
O3 SO4 E . -23.83 9.86 -21.04
O4 SO4 E . -23.93 7.41 -20.76
S SO4 F . -23.99 -2.13 -17.59
O1 SO4 F . -22.69 -1.42 -17.34
O2 SO4 F . -24.33 -2.89 -16.36
O3 SO4 F . -23.78 -2.98 -18.81
O4 SO4 F . -25.15 -1.22 -17.79
S SO4 G . -24.96 -6.38 -22.26
O1 SO4 G . -23.89 -7.21 -21.62
O2 SO4 G . -24.88 -4.92 -22.03
O3 SO4 G . -24.91 -6.65 -23.73
O4 SO4 G . -26.25 -6.75 -21.67
C ACT H . -20.82 -2.00 -13.56
O ACT H . -20.98 -0.90 -12.92
OXT ACT H . -20.94 -2.04 -14.82
CH3 ACT H . -20.47 -3.28 -12.79
S SO4 I . 28.30 -2.90 5.10
O1 SO4 I . 29.66 -3.33 5.45
O2 SO4 I . 27.88 -1.97 6.16
O3 SO4 I . 28.29 -2.17 3.79
O4 SO4 I . 27.50 -4.16 5.03
S SO4 J . 21.90 7.13 -4.31
O1 SO4 J . 23.30 7.53 -4.47
O2 SO4 J . 21.13 8.31 -3.84
O3 SO4 J . 21.37 6.66 -5.62
O4 SO4 J . 21.82 6.06 -3.29
C ACT K . 17.28 3.88 4.36
O ACT K . 16.23 4.67 4.48
OXT ACT K . 18.09 3.76 3.36
CH3 ACT K . 17.60 2.96 5.49
#